data_3T6I
#
_entry.id   3T6I
#
_cell.length_a   45.380
_cell.length_b   73.440
_cell.length_c   53.260
_cell.angle_alpha   90.00
_cell.angle_beta   109.96
_cell.angle_gamma   90.00
#
_symmetry.space_group_name_H-M   'P 1 21 1'
#
loop_
_entity.id
_entity.type
_entity.pdbx_description
1 polymer Endothiapepsin
2 non-polymer (3R)-3-({(4-aminobenzyl)[(4-aminophenyl)acetyl]amino}methyl)-5-{[(4-bromobenzoyl)oxy]methyl}-2,3,4,7-tetrahydro-1H-azepinium
3 non-polymer (3R)-3-({(4-aminobenzyl)[(4-aminophenyl)acetyl]amino}methyl)-5-(hydroxymethyl)-2,3,4,7-tetrahydro-1H-azepinium
4 non-polymer '4-bromobenzoic acid'
5 non-polymer GLYCEROL
6 non-polymer 'SULFATE ION'
7 non-polymer 'DIMETHYL SULFOXIDE'
8 non-polymer 'CHLORIDE ION'
9 water water
#
_entity_poly.entity_id   1
_entity_poly.type   'polypeptide(L)'
_entity_poly.pdbx_seq_one_letter_code
;STGSATTTPIDSLDDAYITPVQIGTPAQTLNLDFDTGSSDLWVFSSETTASEVDGQTIYTPSKSTTAKLLSGATWSISYG
DGSSSSGDVYTDTVSVGGLTVTGQAVESAKKVSSSFTEDSTIDGLLGLAFSTLNTVSPTQQKTFFDNAKASLDSPVFTAD
LGYHAPGTYNFGFIDTTAYTGSITYTAVSTKQGFWEWTSTGYAVGSGTFKSTSIDGIADTGTTLLYLPATVVSAYWAQVS
GAKSSSSVGGYVFPCSATLPSFTFGVGSARIVIPGDYIDFGPISTGSSSCFGGIQSSAGIGINIFGDVALKAAFVVFNGA
TTPTLGFASK
;
_entity_poly.pdbx_strand_id   A
#
# COMPACT_ATOMS: atom_id res chain seq x y z
N SER A 1 7.49 -16.97 15.73
CA SER A 1 6.19 -16.34 15.91
C SER A 1 5.54 -16.04 14.56
N THR A 2 4.24 -15.78 14.59
CA THR A 2 3.50 -15.33 13.42
C THR A 2 2.43 -14.32 13.84
N GLY A 3 1.86 -13.61 12.86
CA GLY A 3 0.68 -12.80 13.09
C GLY A 3 -0.21 -12.87 11.87
N SER A 4 -1.49 -12.59 12.08
CA SER A 4 -2.47 -12.64 10.99
C SER A 4 -3.58 -11.65 11.30
N ALA A 5 -3.80 -10.70 10.41
CA ALA A 5 -4.79 -9.65 10.62
C ALA A 5 -5.62 -9.44 9.37
N THR A 6 -6.90 -9.20 9.57
CA THR A 6 -7.81 -8.91 8.46
C THR A 6 -7.65 -7.46 8.03
N THR A 7 -7.62 -7.23 6.73
CA THR A 7 -7.55 -5.89 6.17
C THR A 7 -8.86 -5.62 5.40
N THR A 8 -9.42 -4.42 5.57
CA THR A 8 -10.78 -4.13 5.13
C THR A 8 -10.79 -2.87 4.25
N PRO A 9 -11.47 -2.92 3.09
CA PRO A 9 -11.55 -1.69 2.28
C PRO A 9 -12.29 -0.59 3.05
N ILE A 10 -11.83 0.66 2.89
CA ILE A 10 -12.44 1.76 3.64
C ILE A 10 -13.75 2.23 3.04
N ASP A 11 -14.05 1.83 1.80
CA ASP A 11 -15.25 2.27 1.10
C ASP A 11 -15.57 1.30 -0.04
N SER A 12 -16.64 1.59 -0.78
CA SER A 12 -17.17 0.68 -1.79
C SER A 12 -16.30 0.60 -3.05
N LEU A 13 -15.29 1.44 -3.14
CA LEU A 13 -14.41 1.46 -4.30
C LEU A 13 -13.04 0.85 -4.00
N ASP A 14 -12.85 0.35 -2.79
CA ASP A 14 -11.53 -0.15 -2.38
C ASP A 14 -10.50 0.98 -2.50
N ASP A 15 -10.85 2.18 -2.09
CA ASP A 15 -9.90 3.30 -2.21
C ASP A 15 -8.64 3.11 -1.36
N ALA A 16 -8.76 2.36 -0.27
CA ALA A 16 -7.63 2.01 0.58
C ALA A 16 -8.09 0.90 1.50
N TYR A 17 -7.15 0.30 2.21
CA TYR A 17 -7.44 -0.80 3.12
C TYR A 17 -6.92 -0.45 4.51
N ILE A 18 -7.72 -0.76 5.53
CA ILE A 18 -7.31 -0.53 6.91
C ILE A 18 -7.21 -1.84 7.71
N THR A 19 -6.21 -1.89 8.58
CA THR A 19 -5.90 -3.08 9.36
C THR A 19 -5.77 -2.65 10.82
N PRO A 20 -6.47 -3.34 11.74
CA PRO A 20 -6.36 -2.92 13.14
C PRO A 20 -5.00 -3.25 13.73
N VAL A 21 -4.47 -2.32 14.51
CA VAL A 21 -3.16 -2.45 15.15
C VAL A 21 -3.28 -2.03 16.61
N GLN A 22 -2.75 -2.86 17.49
CA GLN A 22 -2.76 -2.56 18.91
C GLN A 22 -1.48 -1.83 19.32
N ILE A 23 -1.62 -0.66 19.94
CA ILE A 23 -0.47 0.12 20.39
C ILE A 23 -0.60 0.42 21.87
N GLY A 24 0.47 0.16 22.62
CA GLY A 24 0.51 0.57 24.02
C GLY A 24 -0.10 -0.39 25.02
N THR A 25 -0.06 0.01 26.28
CA THR A 25 -0.57 -0.79 27.39
C THR A 25 -1.35 0.11 28.34
N PRO A 26 -2.65 -0.16 28.56
CA PRO A 26 -3.45 -1.15 27.84
C PRO A 26 -3.52 -0.83 26.35
N ALA A 27 -3.91 -1.80 25.54
CA ALA A 27 -3.94 -1.62 24.10
C ALA A 27 -4.83 -0.45 23.69
N GLN A 28 -4.34 0.31 22.72
CA GLN A 28 -5.14 1.29 22.00
C GLN A 28 -5.18 0.80 20.56
N THR A 29 -6.37 0.48 20.05
CA THR A 29 -6.47 -0.07 18.71
C THR A 29 -6.74 1.04 17.69
N LEU A 30 -5.84 1.19 16.72
CA LEU A 30 -5.99 2.13 15.63
C LEU A 30 -6.05 1.37 14.32
N ASN A 31 -6.78 1.91 13.36
CA ASN A 31 -6.91 1.28 12.05
C ASN A 31 -5.92 1.94 11.09
N LEU A 32 -4.87 1.20 10.75
CA LEU A 32 -3.78 1.77 9.97
C LEU A 32 -3.79 1.28 8.53
N ASP A 33 -3.24 2.13 7.65
CA ASP A 33 -3.07 1.82 6.24
C ASP A 33 -1.68 1.21 6.08
N PHE A 34 -1.63 -0.11 5.87
CA PHE A 34 -0.36 -0.81 5.67
C PHE A 34 0.19 -0.44 4.28
N ASP A 35 1.40 0.10 4.26
CA ASP A 35 1.92 0.77 3.07
C ASP A 35 3.29 0.21 2.70
N THR A 36 3.35 -0.71 1.75
CA THR A 36 4.64 -1.28 1.35
C THR A 36 5.49 -0.32 0.53
N GLY A 37 4.98 0.89 0.28
CA GLY A 37 5.74 1.94 -0.38
C GLY A 37 6.31 3.02 0.51
N SER A 38 6.22 2.86 1.82
CA SER A 38 6.87 3.79 2.74
C SER A 38 7.30 3.09 4.02
N SER A 39 7.95 3.80 4.93
CA SER A 39 8.73 3.15 5.99
C SER A 39 8.59 3.77 7.38
N ASP A 40 7.51 4.50 7.59
CA ASP A 40 7.22 5.09 8.89
C ASP A 40 5.91 4.50 9.44
N LEU A 41 5.88 4.25 10.74
CA LEU A 41 4.64 3.89 11.42
C LEU A 41 4.22 5.17 12.14
N TRP A 42 3.26 5.87 11.58
CA TRP A 42 2.82 7.14 12.17
C TRP A 42 1.31 7.14 12.40
N VAL A 43 0.91 7.85 13.44
CA VAL A 43 -0.47 7.82 13.89
C VAL A 43 -1.01 9.19 14.27
N PHE A 44 -2.30 9.37 14.05
CA PHE A 44 -3.03 10.46 14.67
C PHE A 44 -2.89 10.29 16.19
N SER A 45 -2.78 11.39 16.91
CA SER A 45 -2.48 11.31 18.33
C SER A 45 -3.12 12.43 19.14
N SER A 46 -2.98 12.33 20.46
CA SER A 46 -3.43 13.38 21.36
C SER A 46 -2.63 14.67 21.14
N GLU A 47 -1.53 14.57 20.40
CA GLU A 47 -0.68 15.72 20.11
C GLU A 47 -1.02 16.38 18.78
N THR A 48 -1.89 15.76 17.99
CA THR A 48 -2.25 16.31 16.69
C THR A 48 -3.08 17.57 16.85
N THR A 49 -2.73 18.62 16.11
CA THR A 49 -3.50 19.85 16.11
C THR A 49 -4.98 19.54 16.02
N ALA A 50 -5.76 20.05 16.97
CA ALA A 50 -7.16 19.68 17.10
C ALA A 50 -7.96 19.87 15.81
N SER A 51 -7.72 20.98 15.12
CA SER A 51 -8.47 21.29 13.91
C SER A 51 -8.13 20.35 12.76
N GLU A 52 -7.07 19.57 12.92
CA GLU A 52 -6.63 18.63 11.89
C GLU A 52 -7.07 17.20 12.16
N VAL A 53 -7.84 17.01 13.23
CA VAL A 53 -8.46 15.72 13.53
C VAL A 53 -9.95 15.80 13.27
N ASP A 54 -10.45 14.88 12.45
CA ASP A 54 -11.88 14.88 12.12
C ASP A 54 -12.39 13.44 12.05
N GLY A 55 -12.54 12.82 13.22
CA GLY A 55 -13.13 11.49 13.28
C GLY A 55 -12.16 10.34 13.50
N GLN A 56 -10.87 10.59 13.30
CA GLN A 56 -9.87 9.54 13.52
C GLN A 56 -9.78 9.13 14.98
N THR A 57 -9.41 7.88 15.18
CA THR A 57 -9.04 7.39 16.50
C THR A 57 -7.59 7.79 16.76
N ILE A 58 -7.33 8.31 17.96
CA ILE A 58 -6.00 8.81 18.27
C ILE A 58 -5.27 7.94 19.27
N TYR A 59 -3.95 7.91 19.12
CA TYR A 59 -3.04 7.34 20.11
C TYR A 59 -2.73 8.39 21.17
N THR A 60 -2.92 8.04 22.43
CA THR A 60 -2.60 8.93 23.54
C THR A 60 -1.47 8.30 24.36
N PRO A 61 -0.22 8.70 24.07
CA PRO A 61 0.91 8.04 24.73
C PRO A 61 0.89 8.20 26.25
N SER A 62 0.32 9.28 26.77
CA SER A 62 0.30 9.49 28.21
C SER A 62 -0.53 8.43 28.92
N LYS A 63 -1.40 7.74 28.18
CA LYS A 63 -2.24 6.70 28.76
C LYS A 63 -1.65 5.31 28.58
N SER A 64 -0.47 5.22 27.99
CA SER A 64 0.21 3.95 27.82
C SER A 64 1.37 3.82 28.79
N THR A 65 1.33 2.81 29.65
CA THR A 65 2.36 2.63 30.66
C THR A 65 3.68 2.16 30.07
N THR A 66 3.66 1.73 28.80
CA THR A 66 4.87 1.27 28.14
C THR A 66 5.43 2.28 27.13
N ALA A 67 4.74 3.40 26.94
CA ALA A 67 5.23 4.44 26.03
C ALA A 67 6.39 5.21 26.63
N LYS A 68 7.43 5.45 25.84
CA LYS A 68 8.56 6.26 26.27
C LYS A 68 8.89 7.25 25.16
N LEU A 69 8.98 8.54 25.51
CA LEU A 69 9.37 9.55 24.53
C LEU A 69 10.78 9.25 24.06
N LEU A 70 10.99 9.26 22.75
CA LEU A 70 12.33 9.07 22.20
C LEU A 70 12.94 10.46 22.12
N SER A 71 13.86 10.77 23.04
CA SER A 71 14.30 12.14 23.24
C SER A 71 14.95 12.73 22.02
N GLY A 72 14.44 13.88 21.58
CA GLY A 72 15.01 14.61 20.46
C GLY A 72 14.65 14.09 19.09
N ALA A 73 13.90 13.01 19.02
CA ALA A 73 13.56 12.41 17.74
C ALA A 73 12.32 13.06 17.14
N THR A 74 12.41 13.44 15.86
CA THR A 74 11.26 13.98 15.15
C THR A 74 11.16 13.32 13.79
N TRP A 75 10.03 13.50 13.13
CA TRP A 75 9.82 12.93 11.83
C TRP A 75 8.99 13.89 11.00
N SER A 76 9.14 13.80 9.68
CA SER A 76 8.41 14.66 8.77
C SER A 76 8.43 13.97 7.42
N ILE A 77 7.26 13.85 6.82
CA ILE A 77 7.16 13.18 5.53
CA ILE A 77 7.13 13.16 5.54
C ILE A 77 6.24 13.96 4.59
N SER A 78 6.61 13.98 3.32
CA SER A 78 5.78 14.57 2.30
C SER A 78 5.64 13.54 1.20
N TYR A 79 4.49 13.57 0.54
CA TYR A 79 4.20 12.56 -0.47
C TYR A 79 3.92 13.23 -1.81
N GLY A 80 3.91 12.43 -2.87
CA GLY A 80 3.79 12.93 -4.22
C GLY A 80 2.50 13.65 -4.54
N ASP A 81 1.48 13.47 -3.71
CA ASP A 81 0.19 14.13 -3.95
C ASP A 81 0.11 15.47 -3.21
N GLY A 82 1.22 15.85 -2.59
CA GLY A 82 1.29 17.12 -1.90
C GLY A 82 0.89 17.01 -0.44
N SER A 83 0.52 15.82 -0.01
CA SER A 83 0.14 15.60 1.38
C SER A 83 1.38 15.44 2.27
N SER A 84 1.19 15.57 3.58
CA SER A 84 2.31 15.56 4.50
C SER A 84 1.85 15.32 5.93
N SER A 85 2.82 14.98 6.79
CA SER A 85 2.57 14.87 8.22
C SER A 85 3.90 14.93 8.95
N SER A 86 3.87 15.26 10.23
CA SER A 86 5.10 15.37 11.00
C SER A 86 4.81 15.31 12.48
N GLY A 87 5.83 15.03 13.29
CA GLY A 87 5.64 15.05 14.72
C GLY A 87 6.83 14.55 15.52
N ASP A 88 6.55 13.99 16.69
CA ASP A 88 7.56 13.43 17.58
C ASP A 88 7.44 11.91 17.63
N VAL A 89 8.23 11.28 18.48
CA VAL A 89 8.37 9.83 18.43
C VAL A 89 8.36 9.23 19.83
N TYR A 90 7.61 8.15 20.00
CA TYR A 90 7.60 7.35 21.21
C TYR A 90 8.07 5.96 20.83
N THR A 91 8.64 5.22 21.78
CA THR A 91 8.71 3.78 21.61
C THR A 91 7.60 3.16 22.43
N ASP A 92 7.01 2.09 21.92
CA ASP A 92 5.90 1.45 22.61
C ASP A 92 5.71 0.05 22.05
N THR A 93 4.86 -0.73 22.70
CA THR A 93 4.55 -2.08 22.25
C THR A 93 3.49 -2.04 21.15
N VAL A 94 3.74 -2.73 20.05
CA VAL A 94 2.83 -2.73 18.93
C VAL A 94 2.54 -4.17 18.52
N SER A 95 1.26 -4.49 18.34
CA SER A 95 0.87 -5.84 17.97
C SER A 95 -0.02 -5.82 16.75
N VAL A 96 0.24 -6.73 15.82
CA VAL A 96 -0.55 -6.89 14.61
C VAL A 96 -0.99 -8.34 14.54
N GLY A 97 -2.29 -8.58 14.69
CA GLY A 97 -2.82 -9.91 14.51
C GLY A 97 -2.13 -10.95 15.37
N GLY A 98 -1.78 -10.59 16.61
CA GLY A 98 -1.17 -11.53 17.52
C GLY A 98 0.35 -11.53 17.56
N LEU A 99 0.98 -10.81 16.63
CA LEU A 99 2.43 -10.66 16.60
C LEU A 99 2.83 -9.37 17.31
N THR A 100 3.70 -9.47 18.31
CA THR A 100 4.05 -8.33 19.15
C THR A 100 5.50 -7.91 19.00
N VAL A 101 5.71 -6.61 18.83
CA VAL A 101 7.05 -6.01 18.86
C VAL A 101 7.11 -5.03 20.03
N THR A 102 8.08 -5.21 20.92
CA THR A 102 8.29 -4.22 21.96
C THR A 102 9.32 -3.20 21.47
N GLY A 103 9.23 -1.97 21.94
CA GLY A 103 10.19 -0.95 21.55
C GLY A 103 10.03 -0.45 20.12
N GLN A 104 8.86 -0.64 19.53
CA GLN A 104 8.61 -0.11 18.19
C GLN A 104 8.53 1.42 18.20
N ALA A 105 9.19 2.08 17.25
CA ALA A 105 9.03 3.51 17.10
C ALA A 105 7.63 3.81 16.57
N VAL A 106 6.86 4.53 17.37
CA VAL A 106 5.53 5.00 17.01
C VAL A 106 5.61 6.51 16.82
N GLU A 107 5.40 6.95 15.59
CA GLU A 107 5.59 8.34 15.24
C GLU A 107 4.28 9.08 15.41
N SER A 108 4.22 9.92 16.43
CA SER A 108 3.01 10.62 16.81
C SER A 108 2.88 11.92 16.03
N ALA A 109 1.77 12.10 15.31
CA ALA A 109 1.60 13.29 14.50
C ALA A 109 1.27 14.53 15.33
N LYS A 110 2.01 15.60 15.11
CA LYS A 110 1.64 16.92 15.63
C LYS A 110 0.88 17.69 14.56
N LYS A 111 1.20 17.41 13.29
CA LYS A 111 0.57 18.07 12.15
C LYS A 111 0.27 17.03 11.08
N VAL A 112 -0.88 17.15 10.43
CA VAL A 112 -1.21 16.36 9.24
C VAL A 112 -1.85 17.29 8.22
N SER A 113 -1.69 16.99 6.94
CA SER A 113 -2.27 17.82 5.89
C SER A 113 -3.74 17.45 5.64
N SER A 114 -4.42 18.28 4.87
CA SER A 114 -5.87 18.18 4.76
C SER A 114 -6.35 16.83 4.24
N SER A 115 -5.60 16.23 3.32
CA SER A 115 -6.03 14.95 2.75
C SER A 115 -6.10 13.85 3.81
N PHE A 116 -5.23 13.91 4.81
CA PHE A 116 -5.29 12.97 5.92
C PHE A 116 -6.46 13.30 6.85
N THR A 117 -6.62 14.58 7.17
CA THR A 117 -7.73 15.01 8.02
C THR A 117 -9.06 14.56 7.42
N GLU A 118 -9.19 14.70 6.11
CA GLU A 118 -10.43 14.40 5.40
C GLU A 118 -10.76 12.90 5.31
N ASP A 119 -9.78 12.03 5.56
CA ASP A 119 -9.99 10.59 5.58
CA ASP A 119 -10.04 10.61 5.58
C ASP A 119 -10.25 10.10 7.00
N SER A 120 -11.49 10.13 7.45
CA SER A 120 -11.82 9.77 8.83
CA SER A 120 -11.83 9.77 8.82
C SER A 120 -11.56 8.31 9.16
N THR A 121 -11.46 7.46 8.14
CA THR A 121 -11.34 6.02 8.34
C THR A 121 -9.91 5.53 8.56
N ILE A 122 -8.92 6.41 8.34
CA ILE A 122 -7.52 6.00 8.42
C ILE A 122 -6.84 6.74 9.57
N ASP A 123 -6.37 5.97 10.56
CA ASP A 123 -5.81 6.54 11.79
C ASP A 123 -4.30 6.71 11.71
N GLY A 124 -3.71 6.33 10.59
CA GLY A 124 -2.27 6.43 10.41
C GLY A 124 -1.80 5.41 9.39
N LEU A 125 -0.49 5.33 9.25
CA LEU A 125 0.16 4.45 8.28
C LEU A 125 1.10 3.49 9.01
N LEU A 126 1.21 2.28 8.48
CA LEU A 126 2.24 1.34 8.94
C LEU A 126 3.09 0.98 7.74
N GLY A 127 4.28 1.56 7.69
CA GLY A 127 5.16 1.39 6.55
C GLY A 127 5.85 0.04 6.51
N LEU A 128 5.91 -0.55 5.32
CA LEU A 128 6.47 -1.88 5.15
C LEU A 128 7.50 -1.93 4.01
N ALA A 129 7.94 -0.77 3.54
CA ALA A 129 9.11 -0.69 2.66
C ALA A 129 10.37 -0.84 3.53
N PHE A 130 11.55 -0.59 2.95
CA PHE A 130 12.79 -0.83 3.71
C PHE A 130 13.10 0.30 4.68
N SER A 131 13.72 -0.05 5.81
CA SER A 131 13.95 0.93 6.88
C SER A 131 14.87 2.07 6.46
N THR A 132 15.61 1.89 5.37
CA THR A 132 16.46 2.95 4.85
C THR A 132 15.67 4.20 4.45
N LEU A 133 14.36 4.06 4.22
CA LEU A 133 13.53 5.21 3.90
C LEU A 133 12.86 5.85 5.12
N ASN A 134 13.05 5.30 6.32
CA ASN A 134 12.43 5.87 7.50
C ASN A 134 12.88 7.31 7.76
N THR A 135 11.95 8.19 8.12
CA THR A 135 12.28 9.61 8.20
C THR A 135 12.69 10.12 9.58
N VAL A 136 12.70 9.28 10.60
CA VAL A 136 13.00 9.78 11.94
C VAL A 136 14.42 10.32 12.01
N SER A 137 14.56 11.49 12.62
CA SER A 137 15.83 12.19 12.72
C SER A 137 16.02 12.63 14.18
N PRO A 138 17.25 12.61 14.69
CA PRO A 138 18.51 12.33 13.99
C PRO A 138 18.89 10.84 13.94
N THR A 139 18.09 9.97 14.55
CA THR A 139 18.37 8.54 14.59
C THR A 139 17.25 7.79 13.87
N GLN A 140 17.57 7.27 12.70
CA GLN A 140 16.59 6.56 11.89
CA GLN A 140 16.60 6.54 11.89
C GLN A 140 16.07 5.32 12.62
N GLN A 141 14.78 5.03 12.43
CA GLN A 141 14.14 3.92 13.13
C GLN A 141 13.75 2.78 12.18
N LYS A 142 13.56 1.59 12.74
CA LYS A 142 13.19 0.41 11.97
C LYS A 142 11.68 0.25 11.80
N THR A 143 11.27 -0.36 10.69
CA THR A 143 9.86 -0.70 10.48
C THR A 143 9.43 -1.83 11.40
N PHE A 144 8.11 -1.98 11.53
CA PHE A 144 7.54 -3.07 12.29
C PHE A 144 8.05 -4.42 11.80
N PHE A 145 8.07 -4.60 10.49
CA PHE A 145 8.55 -5.85 9.92
C PHE A 145 10.03 -6.10 10.22
N ASP A 146 10.87 -5.09 10.08
N ASP A 146 10.84 -5.06 10.09
CA ASP A 146 12.28 -5.28 10.39
CA ASP A 146 12.28 -5.12 10.36
C ASP A 146 12.44 -5.68 11.84
C ASP A 146 12.55 -5.51 11.82
N ASN A 147 11.73 -5.00 12.73
CA ASN A 147 11.82 -5.33 14.15
C ASN A 147 11.36 -6.75 14.46
N ALA A 148 10.32 -7.22 13.76
CA ALA A 148 9.76 -8.54 14.01
C ALA A 148 10.52 -9.68 13.36
N LYS A 149 11.28 -9.36 12.32
CA LYS A 149 11.76 -10.37 11.38
C LYS A 149 12.49 -11.55 12.02
N ALA A 150 13.42 -11.27 12.93
CA ALA A 150 14.22 -12.31 13.55
C ALA A 150 13.36 -13.30 14.34
N SER A 151 12.23 -12.82 14.85
CA SER A 151 11.35 -13.65 15.68
CA SER A 151 11.34 -13.63 15.69
C SER A 151 10.38 -14.47 14.86
N LEU A 152 10.19 -14.09 13.60
CA LEU A 152 9.21 -14.78 12.75
C LEU A 152 9.64 -16.20 12.38
N ASP A 153 8.67 -17.07 12.19
CA ASP A 153 8.97 -18.44 11.75
C ASP A 153 9.72 -18.42 10.42
N SER A 154 9.31 -17.53 9.52
CA SER A 154 9.97 -17.30 8.23
C SER A 154 9.97 -15.79 8.02
N PRO A 155 11.03 -15.23 7.45
CA PRO A 155 11.17 -13.76 7.36
C PRO A 155 10.37 -13.15 6.22
N VAL A 156 9.06 -13.29 6.31
CA VAL A 156 8.17 -12.89 5.22
C VAL A 156 6.92 -12.24 5.77
N PHE A 157 6.26 -11.43 4.92
CA PHE A 157 4.87 -11.10 5.16
C PHE A 157 4.13 -11.24 3.84
N THR A 158 2.83 -11.45 3.91
CA THR A 158 2.04 -11.63 2.70
C THR A 158 0.85 -10.68 2.67
N ALA A 159 0.53 -10.19 1.47
CA ALA A 159 -0.62 -9.34 1.26
C ALA A 159 -1.63 -10.06 0.40
N ASP A 160 -2.86 -10.17 0.91
CA ASP A 160 -3.94 -10.85 0.20
C ASP A 160 -5.13 -9.91 0.25
N LEU A 161 -5.13 -8.92 -0.63
CA LEU A 161 -6.15 -7.87 -0.61
C LEU A 161 -7.39 -8.35 -1.35
N GLY A 162 -8.56 -8.01 -0.83
CA GLY A 162 -9.81 -8.43 -1.46
C GLY A 162 -10.36 -7.41 -2.44
N TYR A 163 -11.12 -7.87 -3.42
CA TYR A 163 -11.87 -6.99 -4.28
C TYR A 163 -13.27 -6.81 -3.66
N HIS A 164 -13.59 -5.59 -3.26
CA HIS A 164 -14.87 -5.30 -2.63
C HIS A 164 -15.13 -6.24 -1.45
N ALA A 165 -14.09 -6.60 -0.73
CA ALA A 165 -14.20 -7.59 0.34
C ALA A 165 -12.96 -7.52 1.22
N PRO A 166 -13.06 -7.99 2.47
CA PRO A 166 -11.87 -8.04 3.31
C PRO A 166 -10.82 -9.05 2.80
N GLY A 167 -9.60 -8.90 3.29
CA GLY A 167 -8.49 -9.76 2.95
C GLY A 167 -7.61 -9.90 4.16
N THR A 168 -6.34 -10.25 3.94
CA THR A 168 -5.48 -10.64 5.04
C THR A 168 -4.04 -10.20 4.85
N TYR A 169 -3.43 -9.69 5.91
CA TYR A 169 -1.98 -9.57 6.01
C TYR A 169 -1.46 -10.60 7.00
N ASN A 170 -0.55 -11.45 6.54
CA ASN A 170 0.09 -12.44 7.41
C ASN A 170 1.55 -12.12 7.58
N PHE A 171 2.07 -12.37 8.77
CA PHE A 171 3.49 -12.22 9.06
C PHE A 171 4.07 -13.55 9.52
N GLY A 172 5.17 -13.95 8.88
CA GLY A 172 5.94 -15.08 9.35
C GLY A 172 5.58 -16.43 8.76
N PHE A 173 4.58 -16.48 7.89
CA PHE A 173 4.19 -17.74 7.26
C PHE A 173 3.42 -17.51 5.97
N ILE A 174 3.44 -18.52 5.11
CA ILE A 174 2.68 -18.55 3.87
C ILE A 174 1.48 -19.48 4.03
N ASP A 175 0.28 -18.93 3.88
CA ASP A 175 -0.93 -19.73 3.96
C ASP A 175 -1.15 -20.39 2.60
N THR A 176 -0.80 -21.67 2.52
CA THR A 176 -0.86 -22.37 1.24
C THR A 176 -2.28 -22.63 0.75
N THR A 177 -3.27 -22.33 1.59
CA THR A 177 -4.66 -22.46 1.14
C THR A 177 -5.19 -21.16 0.51
N ALA A 178 -4.37 -20.11 0.52
CA ALA A 178 -4.85 -18.77 0.12
C ALA A 178 -4.62 -18.44 -1.34
N TYR A 179 -4.06 -19.37 -2.11
CA TYR A 179 -3.79 -19.12 -3.53
C TYR A 179 -3.95 -20.40 -4.32
N THR A 180 -4.02 -20.25 -5.65
CA THR A 180 -4.09 -21.39 -6.56
C THR A 180 -2.75 -21.51 -7.28
N GLY A 181 -2.50 -22.65 -7.89
CA GLY A 181 -1.25 -22.87 -8.60
C GLY A 181 -0.05 -22.69 -7.68
N SER A 182 1.06 -22.18 -8.23
CA SER A 182 2.27 -21.97 -7.44
C SER A 182 2.59 -20.49 -7.32
N ILE A 183 3.46 -20.17 -6.38
CA ILE A 183 3.97 -18.81 -6.25
C ILE A 183 5.23 -18.69 -7.11
N THR A 184 5.23 -17.70 -8.00
CA THR A 184 6.42 -17.40 -8.79
C THR A 184 7.15 -16.24 -8.15
N TYR A 185 8.43 -16.46 -7.85
CA TYR A 185 9.25 -15.45 -7.21
C TYR A 185 10.09 -14.71 -8.23
N THR A 186 10.35 -13.44 -7.93
CA THR A 186 11.05 -12.58 -8.87
C THR A 186 12.00 -11.66 -8.09
N ALA A 187 13.07 -11.23 -8.75
CA ALA A 187 14.12 -10.46 -8.09
C ALA A 187 13.65 -9.07 -7.64
N VAL A 188 14.23 -8.60 -6.53
CA VAL A 188 13.93 -7.28 -6.00
C VAL A 188 15.21 -6.46 -5.92
N SER A 189 15.15 -5.21 -6.34
CA SER A 189 16.21 -4.25 -6.04
C SER A 189 15.80 -3.43 -4.84
N THR A 190 16.65 -3.39 -3.82
CA THR A 190 16.38 -2.57 -2.64
C THR A 190 17.14 -1.25 -2.68
N LYS A 191 17.78 -0.96 -3.80
CA LYS A 191 18.64 0.23 -3.95
C LYS A 191 17.95 1.55 -3.64
N GLN A 192 16.66 1.64 -3.94
CA GLN A 192 15.90 2.86 -3.69
C GLN A 192 15.04 2.76 -2.42
N GLY A 193 15.13 1.63 -1.73
CA GLY A 193 14.40 1.42 -0.50
C GLY A 193 13.00 0.82 -0.68
N PHE A 194 12.65 0.46 -1.91
CA PHE A 194 11.32 -0.08 -2.21
C PHE A 194 11.37 -1.55 -2.57
N TRP A 195 10.19 -2.17 -2.58
CA TRP A 195 10.03 -3.50 -3.16
C TRP A 195 9.93 -3.37 -4.67
N GLU A 196 11.09 -3.15 -5.29
CA GLU A 196 11.17 -2.81 -6.69
C GLU A 196 11.52 -4.06 -7.50
N TRP A 197 10.74 -4.33 -8.55
CA TRP A 197 10.89 -5.54 -9.34
C TRP A 197 10.61 -5.24 -10.80
N THR A 198 10.74 -6.24 -11.67
CA THR A 198 10.56 -6.03 -13.10
C THR A 198 9.55 -7.03 -13.65
N SER A 199 8.37 -6.53 -14.03
CA SER A 199 7.38 -7.35 -14.70
C SER A 199 7.87 -7.71 -16.09
N THR A 200 7.48 -8.88 -16.58
CA THR A 200 7.94 -9.38 -17.87
C THR A 200 7.03 -9.01 -19.04
N GLY A 201 5.92 -8.31 -18.77
CA GLY A 201 5.09 -7.83 -19.87
C GLY A 201 3.63 -7.74 -19.53
N TYR A 202 2.78 -7.61 -20.54
CA TYR A 202 1.36 -7.42 -20.30
C TYR A 202 0.50 -7.87 -21.46
N ALA A 203 -0.78 -8.05 -21.17
CA ALA A 203 -1.78 -8.26 -22.22
C ALA A 203 -3.03 -7.47 -21.86
N VAL A 204 -3.79 -7.07 -22.88
CA VAL A 204 -5.06 -6.40 -22.68
C VAL A 204 -6.18 -7.34 -23.11
N GLY A 205 -7.11 -7.63 -22.21
CA GLY A 205 -8.18 -8.56 -22.49
C GLY A 205 -7.64 -9.89 -23.00
N SER A 206 -8.20 -10.36 -24.10
CA SER A 206 -7.80 -11.63 -24.70
C SER A 206 -6.68 -11.45 -25.73
N GLY A 207 -6.08 -10.26 -25.75
CA GLY A 207 -5.04 -9.96 -26.71
C GLY A 207 -3.74 -10.72 -26.47
N THR A 208 -2.83 -10.65 -27.44
CA THR A 208 -1.55 -11.33 -27.32
CA THR A 208 -1.55 -11.32 -27.35
C THR A 208 -0.68 -10.69 -26.25
N PHE A 209 0.08 -11.52 -25.54
CA PHE A 209 0.97 -11.04 -24.50
C PHE A 209 2.18 -10.34 -25.12
N LYS A 210 2.46 -9.14 -24.62
CA LYS A 210 3.61 -8.35 -25.08
C LYS A 210 4.74 -8.54 -24.08
N SER A 211 5.83 -9.16 -24.53
CA SER A 211 6.99 -9.34 -23.66
C SER A 211 7.81 -8.06 -23.64
N THR A 212 7.89 -7.44 -22.47
CA THR A 212 8.59 -6.18 -22.32
C THR A 212 8.85 -5.96 -20.83
N SER A 213 10.02 -5.44 -20.48
CA SER A 213 10.38 -5.24 -19.08
C SER A 213 9.74 -3.98 -18.53
N ILE A 214 9.01 -4.14 -17.42
CA ILE A 214 8.40 -2.99 -16.76
C ILE A 214 8.86 -2.93 -15.30
N ASP A 215 9.78 -2.03 -15.00
CA ASP A 215 10.30 -1.85 -13.64
CA ASP A 215 10.29 -1.87 -13.65
C ASP A 215 9.28 -1.10 -12.81
N GLY A 216 8.99 -1.57 -11.60
CA GLY A 216 8.04 -0.85 -10.79
C GLY A 216 8.12 -1.28 -9.35
N ILE A 217 7.30 -0.67 -8.50
CA ILE A 217 7.28 -1.04 -7.09
C ILE A 217 5.96 -1.70 -6.71
N ALA A 218 6.02 -2.66 -5.80
CA ALA A 218 4.80 -3.24 -5.23
C ALA A 218 4.41 -2.37 -4.04
N ASP A 219 3.28 -1.67 -4.17
CA ASP A 219 2.91 -0.62 -3.22
C ASP A 219 1.47 -0.75 -2.76
N THR A 220 1.27 -1.37 -1.61
CA THR A 220 -0.08 -1.55 -1.08
C THR A 220 -0.75 -0.25 -0.68
N GLY A 221 0.05 0.81 -0.50
CA GLY A 221 -0.48 2.10 -0.11
C GLY A 221 -0.98 2.96 -1.25
N THR A 222 -0.77 2.52 -2.49
CA THR A 222 -1.25 3.24 -3.67
C THR A 222 -2.46 2.49 -4.21
N THR A 223 -3.55 3.20 -4.48
CA THR A 223 -4.80 2.56 -4.87
C THR A 223 -4.74 1.95 -6.27
N LEU A 224 -4.18 2.72 -7.21
CA LEU A 224 -4.27 2.38 -8.63
C LEU A 224 -3.01 1.74 -9.21
N LEU A 225 -3.10 1.34 -10.47
CA LEU A 225 -1.98 0.76 -11.21
C LEU A 225 -1.43 1.81 -12.17
N TYR A 226 -0.18 2.22 -11.96
CA TYR A 226 0.46 3.27 -12.77
C TYR A 226 1.53 2.65 -13.65
N LEU A 227 1.35 2.75 -14.96
CA LEU A 227 2.21 2.07 -15.93
C LEU A 227 2.64 3.03 -17.06
N PRO A 228 3.61 2.62 -17.88
CA PRO A 228 4.06 3.53 -18.94
C PRO A 228 2.94 3.95 -19.88
N ALA A 229 3.06 5.16 -20.43
CA ALA A 229 2.02 5.72 -21.29
C ALA A 229 1.65 4.81 -22.46
N THR A 230 2.63 4.12 -23.02
CA THR A 230 2.36 3.23 -24.14
C THR A 230 1.41 2.10 -23.74
N VAL A 231 1.66 1.52 -22.58
CA VAL A 231 0.87 0.42 -22.05
C VAL A 231 -0.54 0.88 -21.73
N VAL A 232 -0.65 2.03 -21.07
CA VAL A 232 -1.94 2.56 -20.65
C VAL A 232 -2.78 2.95 -21.85
N SER A 233 -2.15 3.53 -22.87
CA SER A 233 -2.85 3.88 -24.09
C SER A 233 -3.40 2.63 -24.77
N ALA A 234 -2.59 1.57 -24.83
CA ALA A 234 -3.05 0.32 -25.42
C ALA A 234 -4.25 -0.26 -24.67
N TYR A 235 -4.26 -0.12 -23.35
CA TYR A 235 -5.40 -0.61 -22.57
C TYR A 235 -6.68 0.17 -22.90
N TRP A 236 -6.63 1.50 -22.76
CA TRP A 236 -7.84 2.31 -22.89
C TRP A 236 -8.35 2.39 -24.33
N ALA A 237 -7.48 2.12 -25.29
CA ALA A 237 -7.89 2.03 -26.68
C ALA A 237 -8.93 0.93 -26.91
N GLN A 238 -8.99 -0.03 -25.99
CA GLN A 238 -9.95 -1.13 -26.09
C GLN A 238 -11.32 -0.82 -25.47
N VAL A 239 -11.47 0.40 -24.94
CA VAL A 239 -12.70 0.77 -24.25
C VAL A 239 -13.37 1.92 -25.03
N SER A 240 -14.53 1.65 -25.60
CA SER A 240 -15.22 2.67 -26.39
C SER A 240 -15.54 3.89 -25.55
N GLY A 241 -15.14 5.06 -26.06
CA GLY A 241 -15.41 6.32 -25.40
C GLY A 241 -14.40 6.73 -24.34
N ALA A 242 -13.42 5.87 -24.07
CA ALA A 242 -12.41 6.21 -23.07
C ALA A 242 -11.47 7.29 -23.62
N LYS A 243 -11.00 8.17 -22.74
CA LYS A 243 -10.09 9.23 -23.16
C LYS A 243 -9.27 9.69 -21.98
N SER A 244 -8.13 10.31 -22.26
CA SER A 244 -7.35 10.95 -21.22
C SER A 244 -7.87 12.37 -21.02
N SER A 245 -8.34 12.67 -19.82
CA SER A 245 -8.88 13.99 -19.50
C SER A 245 -7.88 14.80 -18.69
N SER A 246 -7.46 15.94 -19.22
CA SER A 246 -6.54 16.80 -18.51
C SER A 246 -7.21 17.43 -17.29
N SER A 247 -8.48 17.79 -17.41
CA SER A 247 -9.19 18.43 -16.32
C SER A 247 -9.42 17.47 -15.15
N VAL A 248 -9.70 16.21 -15.45
CA VAL A 248 -9.94 15.23 -14.40
C VAL A 248 -8.64 14.69 -13.82
N GLY A 249 -7.61 14.60 -14.65
CA GLY A 249 -6.30 14.13 -14.21
C GLY A 249 -5.97 12.69 -14.57
N GLY A 250 -6.60 12.18 -15.62
CA GLY A 250 -6.28 10.84 -16.09
C GLY A 250 -7.32 10.29 -17.05
N TYR A 251 -7.19 9.00 -17.34
CA TYR A 251 -8.14 8.32 -18.19
C TYR A 251 -9.48 8.15 -17.52
N VAL A 252 -10.53 8.49 -18.27
CA VAL A 252 -11.91 8.31 -17.85
C VAL A 252 -12.63 7.51 -18.94
N PHE A 253 -13.77 6.94 -18.59
CA PHE A 253 -14.48 6.08 -19.52
C PHE A 253 -15.97 6.08 -19.18
N PRO A 254 -16.81 5.69 -20.14
CA PRO A 254 -18.25 5.73 -19.86
C PRO A 254 -18.62 4.72 -18.78
N CYS A 255 -19.39 5.13 -17.79
CA CYS A 255 -19.74 4.22 -16.70
C CYS A 255 -20.51 3.01 -17.20
N SER A 256 -21.11 3.11 -18.39
CA SER A 256 -21.85 1.99 -18.98
C SER A 256 -20.94 0.91 -19.58
N ALA A 257 -19.64 1.16 -19.66
CA ALA A 257 -18.72 0.19 -20.24
C ALA A 257 -18.48 -1.03 -19.36
N THR A 258 -18.28 -2.17 -20.01
CA THR A 258 -17.70 -3.35 -19.36
C THR A 258 -16.23 -3.38 -19.76
N LEU A 259 -15.35 -3.33 -18.78
CA LEU A 259 -13.91 -3.18 -19.03
C LEU A 259 -13.23 -4.51 -19.34
N PRO A 260 -12.22 -4.48 -20.22
CA PRO A 260 -11.42 -5.69 -20.44
C PRO A 260 -10.48 -5.95 -19.26
N SER A 261 -10.08 -7.21 -19.11
CA SER A 261 -9.06 -7.52 -18.12
C SER A 261 -7.69 -6.97 -18.53
N PHE A 262 -6.76 -6.99 -17.58
CA PHE A 262 -5.38 -6.61 -17.83
C PHE A 262 -4.48 -7.64 -17.19
N THR A 263 -3.56 -8.19 -17.96
CA THR A 263 -2.65 -9.22 -17.47
C THR A 263 -1.25 -8.66 -17.34
N PHE A 264 -0.58 -8.95 -16.22
CA PHE A 264 0.83 -8.62 -16.12
C PHE A 264 1.68 -9.87 -15.86
N GLY A 265 2.92 -9.83 -16.33
CA GLY A 265 3.81 -10.97 -16.21
C GLY A 265 4.67 -10.93 -14.96
N VAL A 266 4.86 -12.10 -14.37
CA VAL A 266 5.81 -12.27 -13.28
C VAL A 266 6.62 -13.47 -13.71
N GLY A 267 7.85 -13.23 -14.17
CA GLY A 267 8.61 -14.28 -14.81
C GLY A 267 7.78 -14.89 -15.92
N SER A 268 7.69 -16.21 -15.97
CA SER A 268 6.88 -16.86 -16.99
C SER A 268 5.40 -16.97 -16.58
N ALA A 269 5.09 -16.56 -15.36
CA ALA A 269 3.71 -16.58 -14.87
C ALA A 269 2.92 -15.34 -15.25
N ARG A 270 1.61 -15.40 -15.05
CA ARG A 270 0.72 -14.32 -15.45
C ARG A 270 -0.30 -14.08 -14.37
N ILE A 271 -0.53 -12.82 -14.03
CA ILE A 271 -1.59 -12.44 -13.12
C ILE A 271 -2.64 -11.67 -13.90
N VAL A 272 -3.89 -12.10 -13.81
CA VAL A 272 -4.98 -11.46 -14.56
C VAL A 272 -5.82 -10.58 -13.65
N ILE A 273 -5.89 -9.30 -13.97
CA ILE A 273 -6.74 -8.34 -13.25
C ILE A 273 -8.08 -8.26 -13.98
N PRO A 274 -9.17 -8.74 -13.36
CA PRO A 274 -10.47 -8.65 -14.04
C PRO A 274 -10.84 -7.21 -14.35
N GLY A 275 -11.56 -7.00 -15.43
CA GLY A 275 -11.98 -5.66 -15.83
C GLY A 275 -12.67 -4.87 -14.74
N ASP A 276 -13.52 -5.53 -13.95
CA ASP A 276 -14.27 -4.80 -12.93
C ASP A 276 -13.33 -4.16 -11.90
N TYR A 277 -12.14 -4.73 -11.70
CA TYR A 277 -11.20 -4.17 -10.73
C TYR A 277 -10.68 -2.80 -11.16
N ILE A 278 -10.88 -2.47 -12.44
CA ILE A 278 -10.29 -1.28 -13.03
C ILE A 278 -11.30 -0.11 -13.07
N ASP A 279 -12.52 -0.35 -12.55
CA ASP A 279 -13.57 0.66 -12.52
C ASP A 279 -13.56 1.36 -11.16
N PHE A 280 -13.23 2.64 -11.16
CA PHE A 280 -13.24 3.41 -9.91
C PHE A 280 -14.38 4.41 -9.77
N GLY A 281 -15.43 4.17 -10.54
CA GLY A 281 -16.69 4.85 -10.34
C GLY A 281 -16.71 6.28 -10.84
N PRO A 282 -17.86 6.94 -10.66
CA PRO A 282 -18.08 8.28 -11.23
C PRO A 282 -17.01 9.27 -10.83
N ILE A 283 -16.60 10.13 -11.77
CA ILE A 283 -15.54 11.10 -11.50
C ILE A 283 -15.98 12.15 -10.48
N SER A 284 -17.29 12.38 -10.43
CA SER A 284 -17.91 13.25 -9.43
C SER A 284 -19.30 12.68 -9.18
N THR A 285 -19.89 12.99 -8.02
CA THR A 285 -21.17 12.39 -7.68
C THR A 285 -22.22 12.60 -8.77
N GLY A 286 -22.80 11.50 -9.24
CA GLY A 286 -23.87 11.58 -10.23
C GLY A 286 -23.41 11.65 -11.67
N SER A 287 -22.10 11.69 -11.91
CA SER A 287 -21.59 11.71 -13.27
C SER A 287 -21.69 10.34 -13.94
N SER A 288 -21.85 10.34 -15.26
CA SER A 288 -21.81 9.10 -16.04
C SER A 288 -20.42 8.80 -16.63
N SER A 289 -19.44 9.63 -16.27
CA SER A 289 -18.07 9.36 -16.62
CA SER A 289 -18.06 9.38 -16.62
C SER A 289 -17.38 8.78 -15.40
N CYS A 290 -16.62 7.71 -15.62
CA CYS A 290 -15.98 6.94 -14.55
C CYS A 290 -14.46 7.05 -14.61
N PHE A 291 -13.81 6.95 -13.45
CA PHE A 291 -12.37 7.08 -13.40
C PHE A 291 -11.70 5.72 -13.57
N GLY A 292 -10.67 5.67 -14.41
CA GLY A 292 -9.96 4.41 -14.66
C GLY A 292 -8.98 4.01 -13.58
N GLY A 293 -8.83 2.71 -13.42
CA GLY A 293 -7.94 2.16 -12.40
C GLY A 293 -6.53 1.90 -12.89
N ILE A 294 -6.30 2.10 -14.18
CA ILE A 294 -4.97 2.01 -14.79
C ILE A 294 -4.66 3.39 -15.33
N GLN A 295 -3.56 3.98 -14.88
CA GLN A 295 -3.22 5.35 -15.25
C GLN A 295 -1.75 5.43 -15.61
N SER A 296 -1.38 6.49 -16.31
CA SER A 296 -0.01 6.68 -16.74
C SER A 296 0.91 7.05 -15.59
N SER A 297 2.10 6.47 -15.58
CA SER A 297 3.13 6.82 -14.61
C SER A 297 4.08 7.88 -15.18
N ALA A 298 3.78 8.38 -16.38
N ALA A 298 3.77 8.40 -16.36
CA ALA A 298 4.75 9.20 -17.11
CA ALA A 298 4.62 9.43 -16.96
C ALA A 298 5.35 10.33 -16.28
C ALA A 298 4.72 10.63 -16.02
N GLY A 299 4.57 10.91 -15.38
N GLY A 299 5.95 11.01 -15.67
CA GLY A 299 5.04 12.04 -14.61
CA GLY A 299 6.16 12.10 -14.75
C GLY A 299 5.59 11.75 -13.23
C GLY A 299 6.52 11.62 -13.36
N ILE A 300 5.94 10.51 -12.93
CA ILE A 300 6.39 10.18 -11.60
CA ILE A 300 6.28 9.90 -11.63
C ILE A 300 7.76 9.53 -11.53
N GLY A 301 8.27 8.99 -12.63
CA GLY A 301 9.63 8.47 -12.65
C GLY A 301 9.73 7.01 -12.25
N ILE A 302 8.60 6.38 -11.93
CA ILE A 302 8.59 4.97 -11.60
C ILE A 302 7.19 4.40 -11.84
N ASN A 303 7.11 3.12 -12.18
CA ASN A 303 5.82 2.47 -12.28
C ASN A 303 5.38 1.95 -10.93
N ILE A 304 4.08 1.96 -10.68
CA ILE A 304 3.57 1.55 -9.37
C ILE A 304 2.51 0.47 -9.48
N PHE A 305 2.84 -0.71 -8.99
CA PHE A 305 1.88 -1.80 -8.91
C PHE A 305 1.12 -1.64 -7.60
N GLY A 306 0.08 -0.81 -7.63
CA GLY A 306 -0.75 -0.55 -6.48
C GLY A 306 -1.85 -1.57 -6.29
N ASP A 307 -2.85 -1.22 -5.49
CA ASP A 307 -3.86 -2.19 -5.07
C ASP A 307 -4.59 -2.84 -6.23
N VAL A 308 -4.87 -2.08 -7.30
CA VAL A 308 -5.54 -2.63 -8.46
C VAL A 308 -4.85 -3.91 -8.97
N ALA A 309 -3.52 -3.89 -9.00
CA ALA A 309 -2.77 -5.07 -9.40
C ALA A 309 -2.63 -6.07 -8.27
N LEU A 310 -2.23 -5.59 -7.10
CA LEU A 310 -1.90 -6.50 -6.00
C LEU A 310 -3.12 -7.31 -5.54
N LYS A 311 -4.31 -6.72 -5.59
CA LYS A 311 -5.50 -7.43 -5.11
C LYS A 311 -5.89 -8.60 -6.02
N ALA A 312 -5.34 -8.66 -7.22
CA ALA A 312 -5.56 -9.79 -8.12
C ALA A 312 -4.65 -10.97 -7.80
N ALA A 313 -3.77 -10.80 -6.80
CA ALA A 313 -2.76 -11.81 -6.50
C ALA A 313 -2.62 -12.06 -5.01
N PHE A 314 -2.00 -13.19 -4.69
CA PHE A 314 -1.47 -13.44 -3.36
C PHE A 314 0.01 -13.05 -3.46
N VAL A 315 0.44 -12.10 -2.64
CA VAL A 315 1.75 -11.51 -2.81
C VAL A 315 2.62 -11.77 -1.58
N VAL A 316 3.79 -12.34 -1.83
CA VAL A 316 4.77 -12.62 -0.79
C VAL A 316 5.89 -11.57 -0.82
N PHE A 317 6.05 -10.89 0.30
CA PHE A 317 7.16 -9.97 0.51
C PHE A 317 8.21 -10.72 1.31
N ASN A 318 9.22 -11.23 0.61
CA ASN A 318 10.21 -12.08 1.23
C ASN A 318 11.41 -11.26 1.70
N GLY A 319 11.55 -11.13 3.03
CA GLY A 319 12.60 -10.33 3.62
C GLY A 319 13.82 -11.12 4.06
N ALA A 320 14.09 -12.22 3.36
CA ALA A 320 15.32 -12.96 3.56
C ALA A 320 16.52 -12.08 3.24
N THR A 321 17.73 -12.59 3.49
CA THR A 321 18.96 -11.84 3.30
C THR A 321 19.00 -11.16 1.94
N THR A 322 18.60 -11.88 0.90
CA THR A 322 18.35 -11.26 -0.40
C THR A 322 16.84 -11.25 -0.63
N PRO A 323 16.21 -10.08 -0.44
CA PRO A 323 14.75 -10.03 -0.60
C PRO A 323 14.27 -10.41 -1.99
N THR A 324 13.08 -11.00 -2.06
CA THR A 324 12.41 -11.26 -3.33
C THR A 324 10.92 -11.02 -3.17
N LEU A 325 10.20 -11.04 -4.28
CA LEU A 325 8.75 -10.92 -4.27
C LEU A 325 8.16 -12.15 -4.91
N GLY A 326 7.07 -12.66 -4.34
CA GLY A 326 6.35 -13.76 -4.93
C GLY A 326 4.92 -13.38 -5.29
N PHE A 327 4.43 -13.89 -6.43
CA PHE A 327 3.04 -13.67 -6.83
C PHE A 327 2.39 -14.99 -7.20
N ALA A 328 1.18 -15.20 -6.70
CA ALA A 328 0.35 -16.33 -7.13
C ALA A 328 -1.04 -15.81 -7.49
N SER A 329 -1.71 -16.50 -8.41
CA SER A 329 -3.13 -16.27 -8.63
C SER A 329 -3.93 -16.79 -7.44
N LYS A 330 -5.19 -16.41 -7.34
CA LYS A 330 -5.99 -16.83 -6.20
C LYS A 330 -7.47 -16.87 -6.54
#